data_3IGN
#
_entry.id   3IGN
#
_cell.length_a   59.229
_cell.length_b   59.229
_cell.length_c   118.895
_cell.angle_alpha   90.00
_cell.angle_beta   90.00
_cell.angle_gamma   90.00
#
_symmetry.space_group_name_H-M   'P 43 21 2'
#
loop_
_entity.id
_entity.type
_entity.pdbx_description
1 polymer 'Diguanylate cyclase'
2 non-polymer "9,9'-[(2R,3R,3aS,5S,7aR,9R,10R,10aS,12S,14aR)-3,5,10,12-tetrahydroxy-5,12-dioxidooctahydro-2H,7H-difuro[3,2-d:3',2'-j][1,3,7,9,2,8]tetraoxadiphosphacyclododecine-2,9-diyl]bis(2-amino-1,9-dihydro-6H-purin-6-one)"
3 water water
#
_entity_poly.entity_id   1
_entity_poly.type   'polypeptide(L)'
_entity_poly.pdbx_seq_one_letter_code
;(MSE)EQLAKLS(MSE)TDRLTGLLNRGTWENLVDAEYERFRRYGQATSLV(MSE)FDIDHFKPVNDTYGHLAGDEVIRH
TADVTRNNIRQSDSAGRYGGEEFGIILPETDAESARVICERIREAIEKSTVSTSAGDIQYTVS(MSE)GIAQLTETPENY
(MSE)QW(MSE)QKADEALYKAKESGRNKVVVSLEHHHHHH
;
_entity_poly.pdbx_strand_id   A
#
loop_
_chem_comp.id
_chem_comp.type
_chem_comp.name
_chem_comp.formula
C2E non-polymer 9,9'-[(2R,3R,3aS,5S,7aR,9R,10R,10aS,12S,14aR)-3,5,10,12-tetrahydroxy-5,12-dioxidooctahydro-2H,7H-difuro[3,2-d:3',2'-j][1,3,7,9,2,8]tetraoxadiphosphacyclododecine-2,9-diyl]bis(2-amino-1,9-dihydro-6H-purin-6-one) 'C20 H24 N10 O14 P2'
#
# COMPACT_ATOMS: atom_id res chain seq x y z
N ALA A 5 -1.34 25.36 -3.14
CA ALA A 5 -1.57 24.78 -1.76
C ALA A 5 -2.27 23.44 -1.95
N LYS A 6 -1.48 22.39 -2.14
CA LYS A 6 -2.03 21.06 -2.34
C LYS A 6 -1.94 20.31 -1.02
N LEU A 7 -2.20 21.06 0.03
CA LEU A 7 -2.15 20.51 1.37
C LEU A 7 -3.46 19.80 1.75
N SER A 8 -4.55 20.14 1.05
CA SER A 8 -5.83 19.52 1.36
C SER A 8 -5.83 18.07 0.91
N MSE A 9 -4.94 17.74 -0.02
CA MSE A 9 -4.86 16.40 -0.59
C MSE A 9 -3.82 15.43 -0.03
O MSE A 9 -3.90 14.23 -0.28
CB MSE A 9 -4.62 16.51 -2.10
CG MSE A 9 -5.57 17.45 -2.83
SE MSE A 9 -5.09 17.56 -4.69
CE MSE A 9 -4.66 19.44 -4.77
N THR A 10 -2.85 15.93 0.71
CA THR A 10 -1.79 15.05 1.19
C THR A 10 -1.64 14.78 2.69
N ASP A 11 -1.02 13.64 2.99
CA ASP A 11 -0.75 13.23 4.36
C ASP A 11 0.55 13.94 4.77
N ARG A 12 0.52 14.61 5.91
CA ARG A 12 1.69 15.34 6.40
C ARG A 12 2.96 14.51 6.59
N LEU A 13 2.87 13.48 7.42
CA LEU A 13 4.01 12.62 7.73
C LEU A 13 4.72 11.94 6.55
N THR A 14 3.93 11.42 5.61
CA THR A 14 4.50 10.71 4.47
C THR A 14 4.60 11.47 3.15
N GLY A 15 3.74 12.46 2.96
CA GLY A 15 3.77 13.22 1.71
C GLY A 15 2.90 12.57 0.64
N LEU A 16 2.38 11.38 0.95
CA LEU A 16 1.53 10.65 0.01
C LEU A 16 0.13 11.27 0.05
N LEU A 17 -0.74 10.81 -0.84
CA LEU A 17 -2.12 11.29 -0.86
C LEU A 17 -2.76 10.86 0.45
N ASN A 18 -3.72 11.63 0.95
CA ASN A 18 -4.40 11.22 2.17
C ASN A 18 -5.54 10.29 1.80
N ARG A 19 -6.10 9.61 2.78
CA ARG A 19 -7.18 8.66 2.53
C ARG A 19 -8.31 9.20 1.67
N GLY A 20 -8.88 10.32 2.07
CA GLY A 20 -9.98 10.91 1.31
C GLY A 20 -9.69 11.12 -0.17
N THR A 21 -8.55 11.74 -0.46
CA THR A 21 -8.17 12.00 -1.84
C THR A 21 -7.85 10.70 -2.59
N TRP A 22 -7.11 9.82 -1.93
CA TRP A 22 -6.75 8.56 -2.58
C TRP A 22 -8.01 7.78 -2.94
N GLU A 23 -8.98 7.72 -2.02
CA GLU A 23 -10.22 7.00 -2.30
C GLU A 23 -10.98 7.61 -3.47
N ASN A 24 -10.94 8.93 -3.60
CA ASN A 24 -11.60 9.59 -4.72
C ASN A 24 -10.97 9.11 -6.02
N LEU A 25 -9.66 8.89 -6.00
CA LEU A 25 -8.92 8.41 -7.17
C LEU A 25 -9.25 6.95 -7.45
N VAL A 26 -9.40 6.16 -6.38
CA VAL A 26 -9.79 4.75 -6.55
C VAL A 26 -11.15 4.70 -7.22
N ASP A 27 -12.07 5.53 -6.76
CA ASP A 27 -13.42 5.58 -7.31
C ASP A 27 -13.35 6.02 -8.79
N ALA A 28 -12.48 6.97 -9.10
CA ALA A 28 -12.34 7.43 -10.48
C ALA A 28 -11.83 6.32 -11.38
N GLU A 29 -10.85 5.57 -10.88
CA GLU A 29 -10.30 4.46 -11.68
C GLU A 29 -11.35 3.36 -11.86
N TYR A 30 -12.15 3.13 -10.82
CA TYR A 30 -13.21 2.12 -10.86
C TYR A 30 -14.22 2.45 -11.97
N GLU A 31 -14.66 3.72 -12.02
CA GLU A 31 -15.61 4.12 -13.06
C GLU A 31 -14.99 4.09 -14.45
N ARG A 32 -13.69 4.35 -14.55
CA ARG A 32 -13.01 4.30 -15.83
C ARG A 32 -13.04 2.85 -16.32
N PHE A 33 -12.81 1.93 -15.39
CA PHE A 33 -12.85 0.49 -15.70
C PHE A 33 -14.26 0.06 -16.13
N ARG A 34 -15.28 0.49 -15.39
CA ARG A 34 -16.65 0.11 -15.71
C ARG A 34 -17.00 0.54 -17.13
N ARG A 35 -16.35 1.62 -17.58
CA ARG A 35 -16.62 2.16 -18.90
C ARG A 35 -15.75 1.54 -20.00
N TYR A 36 -14.47 1.36 -19.72
CA TYR A 36 -13.53 0.86 -20.71
C TYR A 36 -12.90 -0.52 -20.53
N GLY A 37 -13.02 -1.11 -19.35
CA GLY A 37 -12.50 -2.45 -19.12
C GLY A 37 -11.00 -2.70 -19.10
N GLN A 38 -10.21 -1.65 -18.88
CA GLN A 38 -8.76 -1.78 -18.86
C GLN A 38 -8.28 -2.58 -17.66
N ALA A 39 -7.14 -3.24 -17.80
CA ALA A 39 -6.59 -3.99 -16.68
C ALA A 39 -6.20 -2.92 -15.66
N THR A 40 -6.57 -3.14 -14.41
CA THR A 40 -6.23 -2.19 -13.37
C THR A 40 -6.26 -2.97 -12.06
N SER A 41 -5.30 -2.68 -11.19
CA SER A 41 -5.21 -3.39 -9.93
C SER A 41 -5.04 -2.42 -8.77
N LEU A 42 -5.37 -2.92 -7.59
CA LEU A 42 -5.26 -2.15 -6.36
C LEU A 42 -4.39 -2.92 -5.38
N VAL A 43 -3.56 -2.20 -4.64
CA VAL A 43 -2.71 -2.81 -3.63
C VAL A 43 -3.04 -2.17 -2.29
N MSE A 44 -3.03 -2.98 -1.24
CA MSE A 44 -3.29 -2.50 0.11
C MSE A 44 -2.22 -3.21 0.92
O MSE A 44 -2.12 -4.43 0.86
CB MSE A 44 -4.67 -2.94 0.62
CG MSE A 44 -5.82 -2.65 -0.32
SE MSE A 44 -7.14 -1.52 0.50
CE MSE A 44 -6.10 0.06 0.49
N PHE A 45 -1.38 -2.45 1.62
CA PHE A 45 -0.35 -3.10 2.42
C PHE A 45 -0.15 -2.44 3.77
N ASP A 46 0.33 -3.25 4.72
CA ASP A 46 0.56 -2.82 6.09
C ASP A 46 1.98 -3.17 6.52
N ILE A 47 2.49 -2.41 7.48
CA ILE A 47 3.81 -2.67 8.02
C ILE A 47 3.59 -3.79 9.03
N ASP A 48 4.39 -4.85 8.94
CA ASP A 48 4.26 -5.98 9.86
C ASP A 48 4.69 -5.64 11.28
N HIS A 49 4.00 -6.22 12.26
CA HIS A 49 4.32 -6.02 13.67
C HIS A 49 4.52 -4.55 14.06
N PHE A 50 3.70 -3.66 13.51
CA PHE A 50 3.86 -2.24 13.81
C PHE A 50 3.72 -1.89 15.30
N LYS A 51 2.62 -2.32 15.92
CA LYS A 51 2.40 -2.03 17.34
C LYS A 51 3.64 -2.48 18.12
N PRO A 52 4.07 -3.74 17.93
CA PRO A 52 5.25 -4.23 18.64
C PRO A 52 6.48 -3.33 18.41
N VAL A 53 6.67 -2.91 17.16
CA VAL A 53 7.78 -2.04 16.81
C VAL A 53 7.65 -0.72 17.56
N ASN A 54 6.45 -0.17 17.56
CA ASN A 54 6.17 1.10 18.22
C ASN A 54 6.35 1.01 19.73
N ASP A 55 5.83 -0.06 20.32
CA ASP A 55 5.96 -0.25 21.77
C ASP A 55 7.42 -0.37 22.17
N THR A 56 8.15 -1.20 21.45
CA THR A 56 9.56 -1.47 21.72
C THR A 56 10.53 -0.31 21.49
N TYR A 57 10.47 0.31 20.31
CA TYR A 57 11.39 1.41 20.01
C TYR A 57 10.87 2.82 20.21
N GLY A 58 9.59 2.97 20.53
CA GLY A 58 9.04 4.30 20.73
C GLY A 58 8.31 4.79 19.49
N HIS A 59 7.37 5.71 19.68
CA HIS A 59 6.59 6.22 18.55
C HIS A 59 7.40 6.97 17.49
N LEU A 60 8.46 7.66 17.92
CA LEU A 60 9.31 8.39 16.98
C LEU A 60 9.94 7.39 16.01
N ALA A 61 10.33 6.24 16.54
CA ALA A 61 10.93 5.20 15.70
C ALA A 61 9.87 4.74 14.71
N GLY A 62 8.65 4.54 15.22
CA GLY A 62 7.55 4.10 14.39
C GLY A 62 7.28 5.04 13.23
N ASP A 63 7.35 6.35 13.50
CA ASP A 63 7.12 7.34 12.46
C ASP A 63 8.19 7.22 11.38
N GLU A 64 9.43 6.99 11.80
CA GLU A 64 10.52 6.85 10.85
C GLU A 64 10.29 5.63 9.97
N VAL A 65 9.71 4.59 10.56
CA VAL A 65 9.44 3.37 9.80
C VAL A 65 8.35 3.68 8.76
N ILE A 66 7.35 4.47 9.16
CA ILE A 66 6.28 4.85 8.27
C ILE A 66 6.82 5.72 7.14
N ARG A 67 7.63 6.72 7.50
CA ARG A 67 8.20 7.61 6.50
C ARG A 67 9.09 6.86 5.52
N HIS A 68 9.87 5.92 6.02
CA HIS A 68 10.75 5.15 5.15
C HIS A 68 9.93 4.29 4.19
N THR A 69 8.85 3.71 4.71
CA THR A 69 7.97 2.88 3.89
C THR A 69 7.40 3.71 2.75
N ALA A 70 6.95 4.92 3.08
CA ALA A 70 6.38 5.82 2.07
C ALA A 70 7.46 6.20 1.07
N ASP A 71 8.69 6.44 1.55
CA ASP A 71 9.78 6.80 0.67
C ASP A 71 10.11 5.66 -0.28
N VAL A 72 10.14 4.44 0.24
CA VAL A 72 10.45 3.28 -0.59
C VAL A 72 9.37 3.16 -1.66
N THR A 73 8.12 3.39 -1.26
CA THR A 73 6.99 3.30 -2.18
C THR A 73 7.09 4.38 -3.25
N ARG A 74 7.21 5.62 -2.81
CA ARG A 74 7.31 6.76 -3.71
C ARG A 74 8.43 6.60 -4.73
N ASN A 75 9.57 6.08 -4.28
CA ASN A 75 10.71 5.91 -5.16
C ASN A 75 10.73 4.61 -5.94
N ASN A 76 9.70 3.79 -5.75
CA ASN A 76 9.63 2.50 -6.45
C ASN A 76 8.44 2.33 -7.38
N ILE A 77 7.55 3.32 -7.44
CA ILE A 77 6.39 3.21 -8.31
C ILE A 77 6.41 4.25 -9.42
N ARG A 78 5.63 4.02 -10.46
CA ARG A 78 5.54 4.91 -11.61
C ARG A 78 4.74 6.16 -11.23
N GLN A 79 5.04 7.27 -11.89
CA GLN A 79 4.31 8.49 -11.60
C GLN A 79 2.84 8.31 -11.96
N SER A 80 2.57 7.35 -12.84
CA SER A 80 1.20 7.07 -13.25
C SER A 80 0.46 6.19 -12.23
N ASP A 81 1.20 5.60 -11.29
CA ASP A 81 0.60 4.80 -10.22
C ASP A 81 0.25 5.81 -9.14
N SER A 82 -0.72 5.53 -8.29
CA SER A 82 -1.10 6.46 -7.24
C SER A 82 -1.07 5.84 -5.86
N ALA A 83 -0.14 6.30 -5.02
CA ALA A 83 -0.01 5.78 -3.66
C ALA A 83 -0.66 6.70 -2.64
N GLY A 84 -1.21 6.10 -1.59
CA GLY A 84 -1.85 6.90 -0.55
C GLY A 84 -1.66 6.27 0.80
N ARG A 85 -1.74 7.08 1.85
CA ARG A 85 -1.63 6.53 3.19
C ARG A 85 -3.07 6.37 3.61
N TYR A 86 -3.50 5.12 3.67
CA TYR A 86 -4.88 4.83 4.00
C TYR A 86 -5.20 4.96 5.49
N GLY A 87 -4.31 4.48 6.34
CA GLY A 87 -4.53 4.57 7.77
C GLY A 87 -3.21 4.76 8.49
N GLY A 88 -3.18 4.38 9.75
CA GLY A 88 -1.96 4.51 10.55
C GLY A 88 -0.74 3.86 9.92
N GLU A 89 -0.75 2.54 9.78
CA GLU A 89 0.38 1.88 9.15
C GLU A 89 -0.04 1.19 7.87
N GLU A 90 -1.18 1.60 7.33
CA GLU A 90 -1.72 1.02 6.09
C GLU A 90 -1.55 1.95 4.88
N PHE A 91 -1.17 1.37 3.75
CA PHE A 91 -0.95 2.13 2.52
C PHE A 91 -1.72 1.48 1.37
N GLY A 92 -2.00 2.25 0.34
CA GLY A 92 -2.69 1.71 -0.82
C GLY A 92 -2.05 2.25 -2.07
N ILE A 93 -2.12 1.50 -3.17
CA ILE A 93 -1.56 1.97 -4.43
C ILE A 93 -2.53 1.58 -5.54
N ILE A 94 -2.77 2.51 -6.46
CA ILE A 94 -3.64 2.24 -7.61
C ILE A 94 -2.65 1.97 -8.72
N LEU A 95 -2.82 0.85 -9.42
CA LEU A 95 -1.92 0.51 -10.51
C LEU A 95 -2.72 0.41 -11.80
N PRO A 96 -2.82 1.51 -12.55
CA PRO A 96 -3.58 1.47 -13.81
C PRO A 96 -2.84 0.70 -14.89
N GLU A 97 -3.61 0.15 -15.83
CA GLU A 97 -3.07 -0.60 -16.97
C GLU A 97 -2.14 -1.71 -16.50
N THR A 98 -2.44 -2.27 -15.34
CA THR A 98 -1.60 -3.30 -14.75
C THR A 98 -2.43 -4.47 -14.25
N ASP A 99 -2.18 -5.68 -14.74
CA ASP A 99 -2.95 -6.83 -14.29
C ASP A 99 -2.37 -7.41 -13.02
N ALA A 100 -3.04 -8.42 -12.46
CA ALA A 100 -2.60 -9.03 -11.21
C ALA A 100 -1.14 -9.49 -11.20
N GLU A 101 -0.75 -10.22 -12.24
CA GLU A 101 0.61 -10.74 -12.32
C GLU A 101 1.65 -9.62 -12.39
N SER A 102 1.33 -8.53 -13.08
CA SER A 102 2.27 -7.41 -13.21
C SER A 102 2.35 -6.65 -11.88
N ALA A 103 1.22 -6.58 -11.19
CA ALA A 103 1.18 -5.89 -9.90
C ALA A 103 2.11 -6.60 -8.90
N ARG A 104 2.15 -7.92 -8.99
CA ARG A 104 2.99 -8.68 -8.09
C ARG A 104 4.45 -8.26 -8.23
N VAL A 105 4.88 -7.93 -9.44
CA VAL A 105 6.25 -7.50 -9.68
C VAL A 105 6.63 -6.24 -8.92
N ILE A 106 5.81 -5.19 -9.04
CA ILE A 106 6.09 -3.95 -8.34
C ILE A 106 5.97 -4.18 -6.84
N CYS A 107 4.97 -4.97 -6.43
CA CYS A 107 4.80 -5.25 -5.01
C CYS A 107 6.01 -5.99 -4.44
N GLU A 108 6.51 -7.00 -5.15
CA GLU A 108 7.67 -7.74 -4.70
C GLU A 108 8.89 -6.84 -4.59
N ARG A 109 9.05 -5.94 -5.58
CA ARG A 109 10.18 -5.03 -5.59
C ARG A 109 10.11 -4.16 -4.34
N ILE A 110 8.92 -3.72 -3.97
CA ILE A 110 8.77 -2.91 -2.77
C ILE A 110 9.00 -3.78 -1.53
N ARG A 111 8.41 -4.97 -1.50
CA ARG A 111 8.59 -5.87 -0.36
C ARG A 111 10.07 -6.10 -0.08
N GLU A 112 10.81 -6.43 -1.14
CA GLU A 112 12.24 -6.70 -1.01
C GLU A 112 13.01 -5.46 -0.57
N ALA A 113 12.67 -4.30 -1.11
CA ALA A 113 13.35 -3.07 -0.76
C ALA A 113 13.15 -2.78 0.73
N ILE A 114 11.96 -3.11 1.24
CA ILE A 114 11.68 -2.89 2.65
C ILE A 114 12.40 -3.92 3.50
N GLU A 115 12.39 -5.17 3.03
CA GLU A 115 13.04 -6.26 3.76
C GLU A 115 14.54 -6.00 3.91
N LYS A 116 15.17 -5.43 2.89
CA LYS A 116 16.60 -5.12 2.90
C LYS A 116 16.92 -3.80 3.60
N SER A 117 15.89 -3.10 4.04
CA SER A 117 16.07 -1.82 4.70
C SER A 117 16.51 -1.87 6.14
N THR A 118 17.07 -0.77 6.59
CA THR A 118 17.48 -0.63 7.96
C THR A 118 17.15 0.78 8.34
N VAL A 119 16.19 0.92 9.23
CA VAL A 119 15.81 2.25 9.64
C VAL A 119 16.67 2.72 10.78
N SER A 120 17.60 3.60 10.46
CA SER A 120 18.48 4.14 11.47
C SER A 120 17.69 5.13 12.32
N THR A 121 17.30 4.70 13.52
CA THR A 121 16.55 5.59 14.41
C THR A 121 17.37 5.89 15.68
N SER A 122 16.91 6.88 16.44
CA SER A 122 17.60 7.26 17.67
C SER A 122 17.40 6.21 18.77
N ALA A 123 16.45 5.31 18.57
CA ALA A 123 16.18 4.27 19.54
C ALA A 123 16.97 3.01 19.20
N GLY A 124 17.29 2.85 17.91
CA GLY A 124 18.04 1.68 17.49
C GLY A 124 17.94 1.44 16.01
N ASP A 125 18.70 0.48 15.50
CA ASP A 125 18.67 0.12 14.08
C ASP A 125 17.64 -0.96 13.84
N ILE A 126 16.56 -0.57 13.17
CA ILE A 126 15.42 -1.43 12.89
C ILE A 126 15.31 -2.09 11.52
N GLN A 127 14.82 -3.32 11.52
CA GLN A 127 14.56 -4.05 10.29
C GLN A 127 13.12 -4.51 10.44
N TYR A 128 12.35 -4.39 9.36
CA TYR A 128 10.94 -4.76 9.40
C TYR A 128 10.49 -5.24 8.03
N THR A 129 9.23 -5.62 7.93
CA THR A 129 8.67 -6.11 6.68
C THR A 129 7.25 -5.61 6.50
N VAL A 130 6.70 -5.88 5.32
CA VAL A 130 5.33 -5.49 5.01
C VAL A 130 4.59 -6.68 4.44
N SER A 131 3.28 -6.68 4.63
CA SER A 131 2.41 -7.72 4.09
C SER A 131 1.63 -6.96 3.01
N MSE A 132 1.42 -7.57 1.86
CA MSE A 132 0.71 -6.87 0.79
C MSE A 132 -0.38 -7.69 0.11
O MSE A 132 -0.24 -8.89 -0.10
CB MSE A 132 1.73 -6.43 -0.28
CG MSE A 132 2.98 -5.82 0.33
SE MSE A 132 4.28 -5.29 -1.01
CE MSE A 132 5.13 -6.95 -1.26
N GLY A 133 -1.49 -7.02 -0.21
CA GLY A 133 -2.60 -7.66 -0.87
C GLY A 133 -2.90 -6.99 -2.20
N ILE A 134 -3.11 -7.79 -3.23
CA ILE A 134 -3.39 -7.28 -4.58
C ILE A 134 -4.75 -7.76 -5.06
N ALA A 135 -5.50 -6.87 -5.70
CA ALA A 135 -6.78 -7.24 -6.26
C ALA A 135 -6.95 -6.56 -7.61
N GLN A 136 -6.92 -7.35 -8.67
CA GLN A 136 -7.16 -6.78 -9.99
C GLN A 136 -8.67 -6.61 -10.06
N LEU A 137 -9.12 -5.51 -10.65
CA LEU A 137 -10.54 -5.26 -10.76
C LEU A 137 -11.21 -6.10 -11.83
N THR A 138 -12.31 -6.75 -11.46
CA THR A 138 -13.10 -7.58 -12.37
C THR A 138 -14.47 -6.91 -12.45
N GLU A 139 -15.40 -7.50 -13.19
CA GLU A 139 -16.73 -6.92 -13.30
C GLU A 139 -17.58 -7.17 -12.05
N THR A 140 -17.11 -8.01 -11.15
CA THR A 140 -17.92 -8.33 -9.97
C THR A 140 -18.16 -7.20 -8.96
N PRO A 141 -17.11 -6.55 -8.44
CA PRO A 141 -17.34 -5.46 -7.47
C PRO A 141 -18.36 -4.46 -7.99
N GLU A 142 -19.37 -4.11 -7.19
CA GLU A 142 -20.40 -3.17 -7.64
C GLU A 142 -20.12 -1.70 -7.35
N ASN A 143 -19.04 -1.43 -6.63
CA ASN A 143 -18.62 -0.06 -6.34
C ASN A 143 -17.15 -0.15 -5.94
N TYR A 144 -16.46 0.99 -5.88
CA TYR A 144 -15.03 0.96 -5.57
C TYR A 144 -14.68 0.40 -4.21
N MSE A 145 -15.61 0.46 -3.27
CA MSE A 145 -15.31 -0.04 -1.94
C MSE A 145 -15.28 -1.56 -1.90
O MSE A 145 -14.53 -2.14 -1.12
CB MSE A 145 -16.33 0.53 -0.94
CG MSE A 145 -16.22 2.04 -0.89
SE MSE A 145 -17.27 2.80 0.51
CE MSE A 145 -16.10 2.38 1.98
N GLN A 146 -16.06 -2.21 -2.75
CA GLN A 146 -16.05 -3.67 -2.80
C GLN A 146 -14.73 -4.12 -3.45
N TRP A 147 -14.15 -3.27 -4.27
CA TRP A 147 -12.88 -3.55 -4.92
C TRP A 147 -11.80 -3.45 -3.82
N MSE A 148 -11.88 -2.40 -3.03
CA MSE A 148 -10.93 -2.21 -1.94
C MSE A 148 -11.03 -3.39 -0.96
O MSE A 148 -10.02 -3.83 -0.40
CB MSE A 148 -11.21 -0.90 -1.21
CG MSE A 148 -10.87 0.32 -2.04
SE MSE A 148 -11.09 1.95 -1.00
CE MSE A 148 -10.02 1.45 0.52
N GLN A 149 -12.24 -3.88 -0.76
CA GLN A 149 -12.48 -5.00 0.13
C GLN A 149 -11.72 -6.23 -0.31
N LYS A 150 -11.71 -6.50 -1.61
CA LYS A 150 -11.00 -7.66 -2.14
C LYS A 150 -9.50 -7.57 -1.89
N ALA A 151 -8.94 -6.37 -2.05
CA ALA A 151 -7.52 -6.18 -1.84
C ALA A 151 -7.20 -6.33 -0.35
N ASP A 152 -8.09 -5.82 0.49
CA ASP A 152 -7.93 -5.91 1.93
C ASP A 152 -7.99 -7.37 2.39
N GLU A 153 -8.82 -8.16 1.74
CA GLU A 153 -8.95 -9.58 2.07
C GLU A 153 -7.66 -10.33 1.72
N ALA A 154 -7.06 -9.95 0.60
CA ALA A 154 -5.81 -10.55 0.17
C ALA A 154 -4.71 -10.18 1.16
N LEU A 155 -4.76 -8.95 1.66
CA LEU A 155 -3.79 -8.47 2.62
C LEU A 155 -3.88 -9.28 3.90
N TYR A 156 -5.11 -9.53 4.36
CA TYR A 156 -5.30 -10.30 5.58
C TYR A 156 -4.73 -11.71 5.40
N LYS A 157 -4.93 -12.30 4.22
CA LYS A 157 -4.40 -13.62 3.95
C LYS A 157 -2.88 -13.60 4.00
N ALA A 158 -2.29 -12.52 3.49
CA ALA A 158 -0.82 -12.40 3.49
C ALA A 158 -0.31 -12.36 4.94
N LYS A 159 -1.02 -11.65 5.79
CA LYS A 159 -0.63 -11.52 7.19
C LYS A 159 -0.79 -12.83 7.95
N GLU A 160 -1.92 -13.48 7.72
CA GLU A 160 -2.23 -14.75 8.38
C GLU A 160 -1.41 -15.90 7.83
N SER A 161 -0.95 -15.74 6.60
CA SER A 161 -0.17 -16.77 5.89
C SER A 161 1.34 -16.75 6.14
N GLY A 162 1.80 -15.86 7.01
CA GLY A 162 3.23 -15.81 7.28
C GLY A 162 3.86 -14.44 7.27
N ARG A 163 3.17 -13.46 6.70
CA ARG A 163 3.69 -12.08 6.61
C ARG A 163 4.89 -11.96 5.67
N ASN A 164 5.40 -10.75 5.51
CA ASN A 164 6.53 -10.49 4.60
C ASN A 164 6.29 -11.20 3.28
N LYS A 165 5.11 -10.96 2.72
CA LYS A 165 4.71 -11.61 1.48
C LYS A 165 3.62 -10.84 0.76
N VAL A 166 3.42 -11.23 -0.50
CA VAL A 166 2.42 -10.60 -1.36
C VAL A 166 1.39 -11.67 -1.70
N VAL A 167 0.11 -11.34 -1.54
CA VAL A 167 -0.95 -12.29 -1.88
C VAL A 167 -1.88 -11.65 -2.90
N VAL A 168 -2.21 -12.41 -3.94
CA VAL A 168 -3.11 -11.93 -4.97
C VAL A 168 -4.50 -12.50 -4.68
N SER A 169 -5.52 -11.64 -4.74
CA SER A 169 -6.89 -12.06 -4.50
C SER A 169 -7.36 -12.95 -5.63
N LEU A 170 -7.98 -14.08 -5.27
CA LEU A 170 -8.47 -15.02 -6.27
C LEU A 170 -9.97 -14.85 -6.48
P1 C2E B . 10.23 -6.05 -15.04
O2P C2E B . 10.45 -5.01 -13.85
O1P C2E B . 10.62 -7.41 -14.58
O5' C2E B . 8.71 -6.08 -15.51
C5' C2E B . 7.68 -5.88 -14.63
C4' C2E B . 6.31 -5.88 -15.30
O4' C2E B . 5.40 -5.66 -14.22
C3' C2E B . 6.16 -4.71 -16.32
O3' C2E B . 5.88 -5.04 -17.69
C2' C2E B . 5.13 -3.79 -15.69
O2' C2E B . 4.04 -3.57 -16.57
C1' C2E B . 4.75 -4.38 -14.34
N9 C2E B . 5.34 -3.38 -13.41
C8 C2E B . 6.60 -3.40 -12.85
N7 C2E B . 6.81 -2.38 -12.11
C5 C2E B . 5.71 -1.61 -12.13
C6 C2E B . 5.36 -0.38 -11.53
O6 C2E B . 6.15 0.22 -10.81
N1 C2E B . 4.11 0.14 -11.78
C2 C2E B . 3.21 -0.53 -12.59
N2 C2E B . 1.98 0.01 -12.82
N3 C2E B . 3.53 -1.68 -13.16
C4 C2E B . 4.75 -2.24 -12.96
P11 C2E B . 6.69 -4.02 -18.65
O21 C2E B . 6.31 -2.48 -18.35
O11 C2E B . 6.40 -4.33 -20.06
O5A C2E B . 8.22 -4.31 -18.30
C5A C2E B . 9.26 -3.56 -18.78
C4A C2E B . 10.60 -4.10 -18.31
O4A C2E B . 11.57 -3.12 -18.73
C3A C2E B . 10.71 -4.28 -16.78
O3A C2E B . 11.05 -5.57 -16.34
C2A C2E B . 11.71 -3.25 -16.32
O2A C2E B . 12.81 -3.83 -15.60
C1A C2E B . 12.16 -2.48 -17.55
N91 C2E B . 11.55 -1.16 -17.23
C81 C2E B . 10.35 -0.66 -17.70
N71 C2E B . 10.12 0.51 -17.18
C51 C2E B . 11.13 0.84 -16.37
C61 C2E B . 11.42 1.98 -15.55
O61 C2E B . 10.66 2.92 -15.49
N11 C2E B . 12.58 1.98 -14.82
C21 C2E B . 13.46 0.92 -14.88
N21 C2E B . 14.62 0.95 -14.13
N31 C2E B . 13.21 -0.15 -15.63
C41 C2E B . 12.07 -0.23 -16.39
P1 C2E C . 8.45 6.87 -13.76
O2P C2E C . 7.57 5.79 -14.57
O1P C2E C . 7.59 7.80 -13.03
O5' C2E C . 9.43 6.18 -12.72
C5' C2E C . 9.12 5.03 -12.02
C4' C2E C . 10.24 4.66 -11.05
O4' C2E C . 9.80 3.44 -10.43
C3' C2E C . 11.56 4.36 -11.80
O3' C2E C . 12.72 5.13 -11.48
C2' C2E C . 11.78 2.86 -11.66
O2' C2E C . 13.06 2.51 -11.14
C1' C2E C . 10.60 2.31 -10.86
N9 C2E C . 9.91 1.52 -11.87
C8 C2E C . 8.79 1.88 -12.59
N7 C2E C . 8.45 0.95 -13.42
C5 C2E C . 9.30 -0.07 -13.30
C6 C2E C . 9.42 -1.33 -13.94
O6 C2E C . 8.64 -1.65 -14.80
N1 C2E C . 10.45 -2.16 -13.57
C2 C2E C . 11.34 -1.78 -12.58
N2 C2E C . 12.35 -2.64 -12.23
N3 C2E C . 11.25 -0.61 -11.97
C4 C2E C . 10.25 0.26 -12.29
P11 C2E C . 13.57 5.39 -12.82
O21 C2E C . 14.00 4.02 -13.56
O11 C2E C . 14.80 6.17 -12.51
O5A C2E C . 12.61 6.23 -13.74
C5A C2E C . 12.90 6.52 -15.03
C4A C2E C . 11.80 7.36 -15.65
O4A C2E C . 12.11 7.44 -17.04
C3A C2E C . 10.38 6.77 -15.46
O3A C2E C . 9.44 7.61 -14.80
C2A C2E C . 9.95 6.38 -16.85
O2A C2E C . 8.74 7.04 -17.20
C1A C2E C . 11.10 6.71 -17.80
N91 C2E C . 11.53 5.33 -18.17
C81 C2E C . 12.67 4.68 -17.77
N71 C2E C . 12.71 3.48 -18.28
C51 C2E C . 11.62 3.29 -19.02
C61 C2E C . 11.13 2.20 -19.80
O61 C2E C . 11.76 1.16 -19.87
N11 C2E C . 9.93 2.34 -20.46
C21 C2E C . 9.22 3.52 -20.37
N21 C2E C . 8.03 3.63 -21.05
N31 C2E C . 9.67 4.54 -19.65
C41 C2E C . 10.84 4.47 -18.98
#